data_9J0K
#
_entry.id   9J0K
#
_cell.length_a   82.552
_cell.length_b   82.552
_cell.length_c   211.698
_cell.angle_alpha   90.000
_cell.angle_beta   90.000
_cell.angle_gamma   90.000
#
_symmetry.space_group_name_H-M   'P 43 2 2'
#
loop_
_entity.id
_entity.type
_entity.pdbx_description
1 polymer 'Thyroid hormone receptor beta'
2 polymer 'Nuclear receptor coactivator 2'
3 non-polymer '2-[[7-[3-(aminomethyl)phenoxy]-1-methoxy-4-oxidanyl-isoquinolin-3-yl]carbonylamino]ethanoic acid'
4 water water
#
loop_
_entity_poly.entity_id
_entity_poly.type
_entity_poly.pdbx_seq_one_letter_code
_entity_poly.pdbx_strand_id
1 'polypeptide(L)'
;EELQKSIGHKPEPTDEEWELIKTVTEAHVATNAQGSHWKQKRKFLPEDIGQAPIVNAPEGGKVDLEAFSHFTKIITPAIT
RVVDFAKKLPMFCELPCEDQIILLKGCCMEIMSLRAAVRYDPESETLTLNGEMAVTRGQLKNGGLGVVSDAIFDLGMSLS
SFNLDDTEVALLQAVLLMSSDRPGLACVERIEKYQDSFLLAFEHYINYRKHHVTHFWPKLLMKVTDLRMIGACHASRFLH
MKVECPTELFPPLFLEVFED
;
A,B
2 'polypeptide(L)' ENALLRYLLDKD C,D
#
# COMPACT_ATOMS: atom_id res chain seq x y z
N LYS A 10 30.48 21.10 3.69
CA LYS A 10 30.90 22.36 4.35
C LYS A 10 30.22 23.54 3.65
N PRO A 11 30.63 23.93 2.41
CA PRO A 11 30.13 25.16 1.77
C PRO A 11 28.61 25.13 1.54
N GLU A 12 27.89 26.10 2.12
CA GLU A 12 26.41 26.16 1.97
C GLU A 12 26.09 27.10 0.80
N PRO A 13 24.82 27.22 0.36
CA PRO A 13 24.53 27.91 -0.89
C PRO A 13 24.66 29.44 -0.81
N THR A 14 25.23 30.03 -1.86
CA THR A 14 25.37 31.50 -1.96
C THR A 14 23.99 32.13 -2.10
N ASP A 15 23.94 33.46 -2.18
CA ASP A 15 22.66 34.21 -2.36
C ASP A 15 22.13 33.93 -3.78
N GLU A 16 23.01 34.05 -4.78
CA GLU A 16 22.68 33.84 -6.22
C GLU A 16 22.16 32.40 -6.44
N GLU A 17 22.86 31.40 -5.92
CA GLU A 17 22.43 30.00 -6.00
C GLU A 17 21.08 29.80 -5.24
N TRP A 18 20.88 30.47 -4.12
CA TRP A 18 19.62 30.29 -3.34
C TRP A 18 18.45 30.68 -4.23
N GLU A 19 18.68 31.61 -5.15
CA GLU A 19 17.59 32.11 -6.02
C GLU A 19 17.43 31.12 -7.17
N LEU A 20 18.54 30.55 -7.64
CA LEU A 20 18.44 29.51 -8.70
C LEU A 20 17.68 28.33 -8.11
N ILE A 21 18.05 27.96 -6.88
CA ILE A 21 17.39 26.84 -6.16
C ILE A 21 15.89 27.09 -6.20
N LYS A 22 15.47 28.35 -5.99
CA LYS A 22 14.04 28.65 -5.82
C LYS A 22 13.40 28.67 -7.18
N THR A 23 14.10 29.17 -8.18
CA THR A 23 13.60 29.11 -9.57
C THR A 23 13.44 27.66 -10.02
N VAL A 24 14.35 26.77 -9.66
CA VAL A 24 14.22 25.42 -10.22
C VAL A 24 13.22 24.64 -9.36
N THR A 25 13.14 24.97 -8.07
CA THR A 25 12.19 24.30 -7.17
C THR A 25 10.79 24.60 -7.65
N GLU A 26 10.56 25.88 -7.99
CA GLU A 26 9.21 26.38 -8.38
C GLU A 26 8.78 25.78 -9.72
N ALA A 27 9.69 25.65 -10.68
CA ALA A 27 9.38 25.08 -12.02
C ALA A 27 8.91 23.62 -11.87
N HIS A 28 9.57 22.89 -10.97
CA HIS A 28 9.20 21.49 -10.66
C HIS A 28 7.82 21.43 -9.97
N VAL A 29 7.67 22.00 -8.80
CA VAL A 29 6.32 21.97 -8.15
C VAL A 29 5.20 22.46 -9.07
N ALA A 30 5.42 23.36 -10.01
CA ALA A 30 4.35 23.90 -10.86
C ALA A 30 3.98 22.96 -12.02
N THR A 31 4.82 21.96 -12.30
CA THR A 31 4.71 21.07 -13.47
C THR A 31 4.62 19.64 -13.02
N ASN A 32 4.56 19.43 -11.70
CA ASN A 32 4.47 18.07 -11.13
C ASN A 32 3.01 17.68 -10.89
N ALA A 33 2.54 16.62 -11.49
CA ALA A 33 1.12 16.24 -11.52
C ALA A 33 0.60 16.09 -10.08
N GLN A 34 -0.52 16.78 -9.82
CA GLN A 34 -1.26 16.76 -8.55
C GLN A 34 -0.37 17.21 -7.38
N GLY A 35 0.76 17.86 -7.60
CA GLY A 35 1.64 18.35 -6.52
C GLY A 35 1.59 17.41 -5.34
N SER A 36 1.22 17.89 -4.15
CA SER A 36 1.12 17.16 -2.85
C SER A 36 -0.01 16.13 -2.82
N HIS A 37 -1.05 16.32 -3.59
CA HIS A 37 -2.26 15.49 -3.46
C HIS A 37 -2.09 14.15 -4.22
N TRP A 38 -0.89 13.80 -4.70
CA TRP A 38 -0.76 12.64 -5.60
C TRP A 38 -1.12 11.40 -4.77
N LYS A 39 -0.86 11.42 -3.46
CA LYS A 39 -1.16 10.20 -2.66
C LYS A 39 -2.69 10.03 -2.60
N GLN A 40 -3.44 11.13 -2.45
CA GLN A 40 -4.90 11.06 -2.30
C GLN A 40 -5.56 10.84 -3.66
N LYS A 41 -4.98 11.35 -4.75
CA LYS A 41 -5.62 11.24 -6.08
C LYS A 41 -5.48 9.82 -6.66
N ARG A 42 -4.62 8.95 -6.12
CA ARG A 42 -4.09 7.83 -6.94
C ARG A 42 -5.13 6.71 -6.96
N LYS A 43 -5.18 6.07 -8.10
CA LYS A 43 -6.15 5.04 -8.48
C LYS A 43 -5.33 3.89 -9.08
N PHE A 44 -5.33 2.74 -8.41
CA PHE A 44 -4.59 1.53 -8.81
C PHE A 44 -5.12 0.96 -10.11
N LEU A 45 -4.24 0.67 -11.04
CA LEU A 45 -4.62 0.03 -12.31
C LEU A 45 -5.09 -1.38 -12.02
N PRO A 46 -6.28 -1.77 -12.49
CA PRO A 46 -6.73 -3.14 -12.25
C PRO A 46 -5.71 -4.24 -12.63
N GLU A 47 -5.49 -5.18 -11.72
CA GLU A 47 -4.49 -6.26 -11.84
C GLU A 47 -4.76 -7.17 -13.06
N ASP A 48 -5.97 -7.16 -13.64
CA ASP A 48 -6.35 -7.99 -14.85
C ASP A 48 -5.74 -7.37 -16.12
N ILE A 49 -5.37 -6.07 -16.05
CA ILE A 49 -4.70 -5.30 -17.12
C ILE A 49 -3.19 -5.39 -16.86
N GLY A 50 -2.46 -5.96 -17.79
CA GLY A 50 -1.00 -6.03 -17.69
C GLY A 50 -0.49 -7.35 -17.18
N GLN A 51 -1.16 -8.46 -17.45
CA GLN A 51 -0.58 -9.79 -17.13
C GLN A 51 0.15 -10.33 -18.37
N ALA A 52 0.72 -11.54 -18.31
CA ALA A 52 1.27 -12.32 -19.48
C ALA A 52 0.79 -13.77 -19.39
N VAL A 63 3.01 -5.50 -26.08
CA VAL A 63 2.36 -6.82 -26.36
C VAL A 63 0.89 -6.75 -25.88
N ASP A 64 0.62 -6.62 -24.57
CA ASP A 64 -0.78 -6.55 -24.05
C ASP A 64 -1.39 -5.21 -24.49
N LEU A 65 -2.34 -5.26 -25.43
CA LEU A 65 -2.89 -4.05 -26.05
C LEU A 65 -3.83 -3.29 -25.10
N GLU A 66 -4.46 -3.97 -24.15
CA GLU A 66 -5.39 -3.22 -23.27
C GLU A 66 -4.56 -2.30 -22.35
N ALA A 67 -3.43 -2.79 -21.83
CA ALA A 67 -2.53 -2.03 -20.95
C ALA A 67 -1.80 -0.97 -21.76
N PHE A 68 -1.35 -1.31 -22.96
CA PHE A 68 -0.70 -0.35 -23.87
C PHE A 68 -1.60 0.88 -24.05
N SER A 69 -2.90 0.70 -24.16
CA SER A 69 -3.90 1.77 -24.33
C SER A 69 -3.98 2.70 -23.11
N HIS A 70 -3.99 2.16 -21.89
CA HIS A 70 -3.96 3.03 -20.69
C HIS A 70 -2.70 3.90 -20.73
N PHE A 71 -1.57 3.38 -21.22
CA PHE A 71 -0.30 4.09 -21.11
C PHE A 71 -0.23 5.17 -22.20
N THR A 72 -0.74 4.90 -23.41
CA THR A 72 -0.78 5.93 -24.49
C THR A 72 -1.63 7.14 -24.08
N LYS A 73 -2.59 6.96 -23.19
CA LYS A 73 -3.48 8.07 -22.72
C LYS A 73 -2.75 9.11 -21.86
N ILE A 74 -1.66 8.73 -21.16
CA ILE A 74 -1.02 9.67 -20.17
C ILE A 74 0.36 10.07 -20.66
N ILE A 75 0.81 9.46 -21.76
CA ILE A 75 2.20 9.73 -22.21
C ILE A 75 2.32 11.20 -22.63
N THR A 76 1.35 11.76 -23.31
CA THR A 76 1.41 13.14 -23.90
C THR A 76 1.49 14.13 -22.73
N PRO A 77 0.53 14.12 -21.81
CA PRO A 77 0.58 15.07 -20.71
C PRO A 77 1.91 15.01 -19.95
N ALA A 78 2.59 13.88 -19.99
CA ALA A 78 3.79 13.71 -19.18
C ALA A 78 4.96 14.33 -19.89
N ILE A 79 5.02 14.14 -21.18
CA ILE A 79 6.05 14.80 -22.00
C ILE A 79 5.87 16.30 -21.80
N THR A 80 4.62 16.72 -21.85
CA THR A 80 4.26 18.15 -21.86
C THR A 80 4.65 18.74 -20.50
N ARG A 81 4.55 17.98 -19.44
CA ARG A 81 4.89 18.62 -18.16
C ARG A 81 6.41 18.89 -18.11
N VAL A 82 7.21 18.03 -18.75
CA VAL A 82 8.68 18.28 -18.78
C VAL A 82 8.96 19.56 -19.56
N VAL A 83 8.39 19.69 -20.76
CA VAL A 83 8.45 20.97 -21.57
C VAL A 83 8.17 22.18 -20.67
N ASP A 84 7.12 22.12 -19.90
CA ASP A 84 6.76 23.23 -19.01
C ASP A 84 7.85 23.48 -17.99
N PHE A 85 8.43 22.40 -17.44
CA PHE A 85 9.45 22.53 -16.38
C PHE A 85 10.61 23.29 -16.99
N ALA A 86 11.07 22.89 -18.16
CA ALA A 86 12.19 23.61 -18.79
C ALA A 86 11.85 25.09 -19.05
N LYS A 87 10.62 25.39 -19.49
CA LYS A 87 10.29 26.77 -19.95
C LYS A 87 10.31 27.73 -18.75
N LYS A 88 10.01 27.22 -17.56
CA LYS A 88 10.00 28.00 -16.30
C LYS A 88 11.42 28.21 -15.78
N LEU A 89 12.43 27.82 -16.57
CA LEU A 89 13.89 27.97 -16.26
C LEU A 89 14.51 28.96 -17.24
N PRO A 90 14.82 30.17 -16.76
CA PRO A 90 15.29 31.27 -17.62
C PRO A 90 16.44 30.85 -18.54
N MET A 91 17.43 30.10 -18.02
CA MET A 91 18.66 29.75 -18.79
C MET A 91 18.29 28.85 -19.96
N PHE A 92 17.31 27.94 -19.76
CA PHE A 92 16.74 27.15 -20.87
C PHE A 92 16.15 28.11 -21.93
N CYS A 93 15.48 29.17 -21.50
CA CYS A 93 14.79 30.12 -22.42
C CYS A 93 15.82 31.01 -23.13
N GLU A 94 17.02 31.19 -22.59
CA GLU A 94 18.06 31.96 -23.31
C GLU A 94 18.71 31.12 -24.42
N LEU A 95 18.16 30.01 -24.84
CA LEU A 95 18.91 29.17 -25.78
C LEU A 95 18.19 29.16 -27.10
N PRO A 96 18.90 28.99 -28.22
CA PRO A 96 18.28 28.71 -29.51
C PRO A 96 17.23 27.62 -29.40
N CYS A 97 16.15 27.80 -30.13
CA CYS A 97 15.00 26.89 -30.11
C CYS A 97 15.43 25.51 -30.66
N GLU A 98 16.46 25.44 -31.50
CA GLU A 98 16.93 24.12 -32.04
C GLU A 98 17.70 23.32 -30.94
N ASP A 99 18.32 24.01 -29.96
CA ASP A 99 19.03 23.42 -28.80
C ASP A 99 18.01 23.00 -27.71
N GLN A 100 16.99 23.85 -27.53
CA GLN A 100 15.88 23.60 -26.62
C GLN A 100 15.20 22.30 -27.03
N ILE A 101 15.11 22.05 -28.32
CA ILE A 101 14.45 20.82 -28.80
C ILE A 101 15.33 19.62 -28.50
N ILE A 102 16.64 19.72 -28.77
CA ILE A 102 17.56 18.58 -28.53
C ILE A 102 17.58 18.26 -27.03
N LEU A 103 17.78 19.27 -26.23
CA LEU A 103 17.83 19.08 -24.77
C LEU A 103 16.54 18.39 -24.29
N LEU A 104 15.38 18.85 -24.73
CA LEU A 104 14.13 18.24 -24.22
C LEU A 104 14.04 16.79 -24.69
N LYS A 105 14.44 16.51 -25.91
CA LYS A 105 14.32 15.16 -26.48
C LYS A 105 15.25 14.18 -25.75
N GLY A 106 16.35 14.70 -25.16
CA GLY A 106 17.32 13.92 -24.38
C GLY A 106 16.82 13.59 -23.00
N CYS A 107 16.15 14.54 -22.31
CA CYS A 107 15.90 14.38 -20.87
C CYS A 107 14.48 13.88 -20.63
N CYS A 108 13.62 13.87 -21.63
CA CYS A 108 12.17 13.67 -21.41
C CYS A 108 11.92 12.39 -20.63
N MET A 109 12.38 11.25 -21.15
CA MET A 109 12.13 9.97 -20.49
C MET A 109 12.89 9.88 -19.17
N GLU A 110 13.96 10.63 -19.03
CA GLU A 110 14.76 10.65 -17.81
C GLU A 110 13.95 11.35 -16.73
N ILE A 111 13.42 12.52 -17.02
CA ILE A 111 12.79 13.33 -15.95
C ILE A 111 11.51 12.59 -15.55
N MET A 112 10.83 11.98 -16.52
CA MET A 112 9.53 11.30 -16.27
C MET A 112 9.81 10.01 -15.48
N SER A 113 11.01 9.46 -15.62
CA SER A 113 11.35 8.19 -14.93
C SER A 113 11.72 8.53 -13.48
N LEU A 114 12.27 9.72 -13.24
CA LEU A 114 12.61 10.17 -11.88
C LEU A 114 11.35 10.58 -11.13
N ARG A 115 10.39 11.14 -11.85
CA ARG A 115 9.14 11.65 -11.25
C ARG A 115 8.33 10.44 -10.80
N ALA A 116 8.35 9.38 -11.57
CA ALA A 116 7.63 8.13 -11.24
C ALA A 116 8.32 7.44 -10.10
N ALA A 117 9.65 7.47 -10.11
CA ALA A 117 10.45 6.68 -9.19
C ALA A 117 10.39 7.31 -7.81
N VAL A 118 10.34 8.63 -7.71
CA VAL A 118 10.19 9.33 -6.39
C VAL A 118 8.77 9.11 -5.85
N ARG A 119 7.83 8.63 -6.66
CA ARG A 119 6.48 8.29 -6.16
C ARG A 119 6.34 6.76 -6.13
N TYR A 120 7.46 6.08 -5.84
CA TYR A 120 7.43 4.64 -5.56
C TYR A 120 6.81 4.46 -4.18
N ASP A 121 5.85 3.56 -4.08
CA ASP A 121 5.21 3.19 -2.78
C ASP A 121 5.65 1.77 -2.42
N PRO A 122 6.56 1.63 -1.45
CA PRO A 122 6.94 0.30 -0.98
C PRO A 122 5.80 -0.50 -0.32
N GLU A 123 4.78 0.16 0.24
CA GLU A 123 3.57 -0.53 0.79
C GLU A 123 2.84 -1.37 -0.27
N SER A 124 2.59 -0.82 -1.47
CA SER A 124 1.89 -1.56 -2.54
C SER A 124 2.90 -1.80 -3.63
N GLU A 125 4.11 -1.35 -3.45
CA GLU A 125 5.16 -1.50 -4.48
C GLU A 125 4.62 -1.08 -5.86
N THR A 126 4.33 0.19 -6.00
CA THR A 126 3.73 0.72 -7.22
C THR A 126 4.46 2.02 -7.48
N LEU A 127 4.57 2.39 -8.74
CA LEU A 127 4.92 3.79 -9.14
C LEU A 127 3.61 4.48 -9.46
N THR A 128 3.52 5.78 -9.20
CA THR A 128 2.35 6.55 -9.67
C THR A 128 2.75 7.39 -10.89
N LEU A 129 2.03 7.25 -12.02
CA LEU A 129 2.21 7.99 -13.29
C LEU A 129 1.12 9.02 -13.36
N ASN A 130 1.45 10.22 -13.84
CA ASN A 130 0.48 11.32 -14.07
C ASN A 130 -0.22 11.79 -12.82
N GLY A 131 0.33 11.53 -11.64
CA GLY A 131 -0.24 11.92 -10.34
C GLY A 131 -1.47 11.13 -9.96
N GLU A 132 -1.81 10.06 -10.67
CA GLU A 132 -3.09 9.35 -10.48
C GLU A 132 -3.03 7.83 -10.70
N MET A 133 -2.25 7.33 -11.65
CA MET A 133 -2.35 5.91 -12.02
C MET A 133 -1.22 5.13 -11.34
N ALA A 134 -1.51 4.34 -10.30
CA ALA A 134 -0.54 3.46 -9.65
C ALA A 134 -0.43 2.14 -10.43
N VAL A 135 0.83 1.78 -10.75
CA VAL A 135 1.09 0.57 -11.56
C VAL A 135 2.18 -0.29 -10.91
N THR A 136 2.11 -1.59 -11.22
CA THR A 136 3.09 -2.59 -10.76
C THR A 136 4.23 -2.76 -11.77
N ARG A 137 5.28 -3.38 -11.30
CA ARG A 137 6.46 -3.72 -12.15
C ARG A 137 5.96 -4.33 -13.45
N GLY A 138 4.99 -5.24 -13.31
CA GLY A 138 4.59 -6.11 -14.40
C GLY A 138 3.72 -5.36 -15.36
N GLN A 139 2.90 -4.45 -14.83
CA GLN A 139 1.93 -3.73 -15.71
C GLN A 139 2.73 -2.80 -16.59
N LEU A 140 3.64 -2.05 -16.00
CA LEU A 140 4.52 -1.13 -16.76
C LEU A 140 5.34 -1.92 -17.79
N LYS A 141 5.71 -3.15 -17.40
CA LYS A 141 6.52 -4.03 -18.26
C LYS A 141 5.70 -4.57 -19.42
N ASN A 142 4.50 -5.06 -19.14
CA ASN A 142 3.66 -5.73 -20.17
C ASN A 142 2.91 -4.70 -21.01
N GLY A 143 2.79 -3.48 -20.48
CA GLY A 143 2.12 -2.37 -21.16
C GLY A 143 3.03 -1.72 -22.18
N GLY A 144 4.24 -2.26 -22.41
CA GLY A 144 5.07 -1.85 -23.57
C GLY A 144 6.47 -1.43 -23.18
N LEU A 145 6.75 -1.24 -21.90
CA LEU A 145 8.03 -0.61 -21.53
C LEU A 145 9.05 -1.72 -21.19
N GLY A 146 8.61 -2.97 -21.21
CA GLY A 146 9.50 -4.14 -21.14
C GLY A 146 10.41 -4.04 -19.94
N VAL A 147 11.71 -4.07 -20.17
CA VAL A 147 12.69 -4.26 -19.06
C VAL A 147 13.03 -2.91 -18.42
N VAL A 148 12.75 -1.82 -19.12
CA VAL A 148 12.87 -0.47 -18.54
C VAL A 148 12.08 -0.38 -17.25
N SER A 149 10.93 -1.02 -17.19
CA SER A 149 10.12 -1.04 -15.95
C SER A 149 10.97 -1.40 -14.73
N ASP A 150 11.81 -2.43 -14.88
CA ASP A 150 12.68 -2.98 -13.78
C ASP A 150 13.71 -1.89 -13.37
N ALA A 151 14.24 -1.17 -14.35
CA ALA A 151 15.22 -0.13 -14.07
C ALA A 151 14.57 0.96 -13.22
N ILE A 152 13.34 1.40 -13.61
CA ILE A 152 12.66 2.56 -12.99
C ILE A 152 12.22 2.13 -11.60
N PHE A 153 11.64 0.96 -11.54
CA PHE A 153 11.20 0.42 -10.24
C PHE A 153 12.38 0.32 -9.28
N ASP A 154 13.53 -0.05 -9.81
CA ASP A 154 14.71 -0.30 -8.97
C ASP A 154 15.26 1.02 -8.46
N LEU A 155 15.26 2.05 -9.30
CA LEU A 155 15.66 3.41 -8.85
C LEU A 155 14.67 3.91 -7.79
N GLY A 156 13.40 3.57 -7.99
CA GLY A 156 12.35 3.82 -7.00
C GLY A 156 12.69 3.24 -5.65
N MET A 157 12.99 1.97 -5.63
CA MET A 157 13.41 1.27 -4.36
C MET A 157 14.66 1.91 -3.75
N SER A 158 15.61 2.25 -4.60
CA SER A 158 16.88 2.83 -4.20
C SER A 158 16.70 4.25 -3.65
N LEU A 159 15.89 5.08 -4.31
CA LEU A 159 15.81 6.52 -3.94
C LEU A 159 14.98 6.73 -2.67
N SER A 160 14.23 5.78 -2.16
CA SER A 160 13.48 5.99 -0.88
C SER A 160 14.41 6.27 0.31
N SER A 161 15.63 5.72 0.33
CA SER A 161 16.59 5.83 1.47
C SER A 161 17.01 7.28 1.62
N PHE A 162 17.06 8.00 0.48
CA PHE A 162 17.65 9.36 0.37
C PHE A 162 16.67 10.45 0.83
N ASN A 163 15.36 10.19 0.84
CA ASN A 163 14.32 11.10 1.43
C ASN A 163 14.47 12.45 0.75
N LEU A 164 14.42 12.44 -0.56
CA LEU A 164 14.66 13.65 -1.36
C LEU A 164 13.48 14.61 -1.18
N ASP A 165 13.73 15.92 -1.08
CA ASP A 165 12.66 16.94 -1.19
C ASP A 165 12.49 17.43 -2.64
N ASP A 166 11.52 18.29 -2.87
CA ASP A 166 11.19 18.78 -4.23
C ASP A 166 12.43 19.48 -4.77
N THR A 167 13.12 20.20 -3.94
CA THR A 167 14.26 20.99 -4.44
C THR A 167 15.31 20.04 -5.05
N GLU A 168 15.53 18.96 -4.33
CA GLU A 168 16.51 17.94 -4.76
C GLU A 168 16.02 17.22 -6.00
N VAL A 169 14.75 16.81 -6.03
CA VAL A 169 14.23 16.31 -7.34
C VAL A 169 14.38 17.38 -8.43
N ALA A 170 14.26 18.66 -8.16
CA ALA A 170 14.28 19.62 -9.29
C ALA A 170 15.70 19.79 -9.83
N LEU A 171 16.65 19.79 -8.90
CA LEU A 171 18.05 20.10 -9.29
C LEU A 171 18.57 18.92 -10.13
N LEU A 172 17.99 17.75 -9.93
CA LEU A 172 18.46 16.57 -10.69
C LEU A 172 17.95 16.71 -12.10
N GLN A 173 16.68 17.13 -12.19
CA GLN A 173 16.02 17.35 -13.52
C GLN A 173 16.83 18.38 -14.29
N ALA A 174 17.19 19.48 -13.61
CA ALA A 174 17.94 20.56 -14.29
C ALA A 174 19.28 19.98 -14.74
N VAL A 175 19.97 19.21 -13.91
CA VAL A 175 21.24 18.55 -14.34
C VAL A 175 20.94 17.65 -15.54
N LEU A 176 19.86 16.85 -15.52
CA LEU A 176 19.65 15.97 -16.71
C LEU A 176 19.38 16.83 -17.96
N LEU A 177 18.72 17.97 -17.79
CA LEU A 177 18.18 18.79 -18.90
C LEU A 177 19.37 19.50 -19.57
N MET A 178 20.19 20.10 -18.72
CA MET A 178 21.42 20.81 -19.13
C MET A 178 22.56 19.84 -19.40
N SER A 179 22.35 18.91 -20.31
CA SER A 179 23.39 17.94 -20.73
C SER A 179 24.02 18.44 -22.03
N SER A 180 25.26 18.96 -21.94
CA SER A 180 26.05 19.51 -23.07
C SER A 180 26.40 18.47 -24.12
N ASP A 181 26.23 17.18 -23.88
CA ASP A 181 26.78 16.18 -24.83
C ASP A 181 25.64 15.70 -25.72
N ARG A 182 24.55 16.45 -25.83
CA ARG A 182 23.45 15.96 -26.67
C ARG A 182 23.88 16.04 -28.13
N PRO A 183 23.80 14.93 -28.90
CA PRO A 183 24.04 14.94 -30.35
C PRO A 183 23.41 16.16 -31.05
N GLY A 184 24.22 16.95 -31.75
CA GLY A 184 23.78 18.02 -32.65
C GLY A 184 23.57 19.38 -31.98
N LEU A 185 23.91 19.58 -30.72
CA LEU A 185 23.54 20.86 -30.09
C LEU A 185 24.71 21.81 -30.33
N ALA A 186 24.43 23.10 -30.35
CA ALA A 186 25.36 24.14 -30.85
C ALA A 186 26.00 24.92 -29.68
N CYS A 187 25.23 25.40 -28.73
CA CYS A 187 25.79 26.14 -27.57
C CYS A 187 26.28 25.19 -26.45
N VAL A 188 27.16 24.26 -26.84
CA VAL A 188 27.75 23.25 -25.95
C VAL A 188 28.40 23.93 -24.75
N GLU A 189 29.13 24.98 -24.94
CA GLU A 189 29.92 25.49 -23.80
C GLU A 189 28.94 26.12 -22.82
N ARG A 190 27.87 26.73 -23.29
CA ARG A 190 26.98 27.52 -22.40
C ARG A 190 26.08 26.56 -21.61
N ILE A 191 25.63 25.50 -22.25
CA ILE A 191 24.81 24.45 -21.57
C ILE A 191 25.64 23.86 -20.42
N GLU A 192 26.93 23.57 -20.69
CA GLU A 192 27.85 23.03 -19.68
C GLU A 192 27.98 24.04 -18.54
N LYS A 193 28.13 25.31 -18.85
CA LYS A 193 28.26 26.34 -17.80
C LYS A 193 26.98 26.29 -16.94
N TYR A 194 25.84 26.13 -17.58
CA TYR A 194 24.51 26.16 -16.89
C TYR A 194 24.38 24.93 -15.96
N GLN A 195 24.66 23.73 -16.50
CA GLN A 195 24.75 22.46 -15.70
C GLN A 195 25.71 22.59 -14.51
N ASP A 196 26.90 23.20 -14.68
CA ASP A 196 27.92 23.32 -13.58
C ASP A 196 27.33 24.23 -12.50
N SER A 197 26.59 25.27 -12.89
CA SER A 197 25.94 26.17 -11.90
C SER A 197 24.99 25.36 -11.01
N PHE A 198 24.22 24.48 -11.66
CA PHE A 198 23.16 23.70 -10.99
C PHE A 198 23.82 22.70 -10.03
N LEU A 199 24.81 21.98 -10.56
CA LEU A 199 25.58 20.97 -9.81
C LEU A 199 26.09 21.58 -8.52
N LEU A 200 26.64 22.79 -8.63
CA LEU A 200 27.24 23.54 -7.49
C LEU A 200 26.16 23.87 -6.46
N ALA A 201 25.09 24.55 -6.87
CA ALA A 201 23.99 24.91 -5.96
C ALA A 201 23.48 23.64 -5.27
N PHE A 202 23.32 22.57 -6.04
CA PHE A 202 22.88 21.24 -5.58
C PHE A 202 23.78 20.77 -4.44
N GLU A 203 25.08 20.68 -4.68
CA GLU A 203 26.04 20.23 -3.61
C GLU A 203 25.83 21.11 -2.37
N HIS A 204 25.71 22.39 -2.59
CA HIS A 204 25.63 23.34 -1.47
C HIS A 204 24.35 23.07 -0.69
N TYR A 205 23.24 22.81 -1.39
CA TYR A 205 21.91 22.58 -0.80
C TYR A 205 21.91 21.28 0.02
N ILE A 206 22.69 20.28 -0.40
CA ILE A 206 22.76 18.98 0.31
C ILE A 206 23.47 19.25 1.64
N ASN A 207 24.49 20.11 1.58
CA ASN A 207 25.26 20.49 2.78
C ASN A 207 24.29 21.12 3.76
N TYR A 208 23.62 22.21 3.35
CA TYR A 208 22.63 22.96 4.14
C TYR A 208 21.58 22.04 4.78
N ARG A 209 21.16 21.02 4.03
CA ARG A 209 19.97 20.20 4.38
C ARG A 209 20.38 19.19 5.46
N LYS A 210 21.68 19.08 5.74
CA LYS A 210 22.25 18.28 6.85
C LYS A 210 21.55 16.92 6.88
N HIS A 211 21.77 16.14 5.82
CA HIS A 211 21.28 14.74 5.74
C HIS A 211 22.18 13.86 6.60
N HIS A 212 21.66 12.76 7.13
CA HIS A 212 22.47 11.87 8.02
C HIS A 212 23.10 10.72 7.22
N VAL A 213 23.51 11.01 5.98
CA VAL A 213 24.19 10.00 5.14
C VAL A 213 25.55 10.52 4.71
N THR A 214 26.59 9.81 5.11
CA THR A 214 27.96 10.17 4.67
C THR A 214 28.01 9.89 3.16
N HIS A 215 28.53 10.84 2.39
CA HIS A 215 28.68 10.63 0.93
C HIS A 215 27.29 10.67 0.26
N PHE A 216 26.36 11.45 0.80
CA PHE A 216 25.06 11.67 0.13
C PHE A 216 25.33 12.13 -1.30
N TRP A 217 26.12 13.20 -1.43
CA TRP A 217 26.31 13.92 -2.71
C TRP A 217 26.70 12.93 -3.83
N PRO A 218 27.85 12.25 -3.74
CA PRO A 218 28.30 11.34 -4.80
C PRO A 218 27.32 10.21 -5.13
N LYS A 219 26.76 9.60 -4.11
CA LYS A 219 25.75 8.53 -4.32
C LYS A 219 24.53 9.08 -5.06
N LEU A 220 24.14 10.33 -4.83
CA LEU A 220 22.98 10.89 -5.54
C LEU A 220 23.35 11.07 -7.02
N LEU A 221 24.49 11.74 -7.28
CA LEU A 221 25.00 12.01 -8.64
C LEU A 221 25.02 10.76 -9.50
N MET A 222 25.38 9.62 -8.94
CA MET A 222 25.49 8.37 -9.71
C MET A 222 24.12 7.87 -10.13
N LYS A 223 23.04 8.36 -9.52
CA LYS A 223 21.64 8.13 -9.97
C LYS A 223 21.44 8.76 -11.35
N VAL A 224 22.26 9.75 -11.71
CA VAL A 224 22.32 10.30 -13.09
C VAL A 224 22.69 9.19 -14.07
N THR A 225 23.59 8.34 -13.66
CA THR A 225 23.92 7.16 -14.50
C THR A 225 22.61 6.39 -14.72
N ASP A 226 21.95 6.00 -13.62
CA ASP A 226 20.77 5.10 -13.71
C ASP A 226 19.77 5.73 -14.70
N LEU A 227 19.61 7.02 -14.60
CA LEU A 227 18.57 7.65 -15.37
C LEU A 227 18.98 7.63 -16.82
N ARG A 228 20.24 7.99 -17.08
CA ARG A 228 20.77 8.03 -18.45
C ARG A 228 20.73 6.69 -19.14
N MET A 229 20.95 5.58 -18.43
CA MET A 229 20.75 4.21 -18.95
C MET A 229 19.27 3.97 -19.29
N ILE A 230 18.36 4.42 -18.41
CA ILE A 230 16.90 4.27 -18.60
C ILE A 230 16.52 5.04 -19.88
N GLY A 231 17.10 6.22 -20.08
CA GLY A 231 16.97 7.00 -21.33
C GLY A 231 17.34 6.16 -22.53
N ALA A 232 18.50 5.57 -22.52
CA ALA A 232 19.03 4.87 -23.69
C ALA A 232 18.24 3.57 -23.85
N CYS A 233 18.03 2.91 -22.73
CA CYS A 233 17.37 1.61 -22.72
C CYS A 233 15.97 1.81 -23.34
N HIS A 234 15.35 3.00 -23.16
CA HIS A 234 14.00 3.31 -23.69
C HIS A 234 14.05 3.52 -25.21
N ALA A 235 15.12 4.17 -25.69
CA ALA A 235 15.36 4.47 -27.12
C ALA A 235 15.58 3.19 -27.92
N SER A 236 16.06 2.12 -27.30
CA SER A 236 16.17 0.78 -27.93
C SER A 236 14.81 0.08 -27.87
N ARG A 237 14.10 0.17 -26.76
CA ARG A 237 12.73 -0.39 -26.64
C ARG A 237 11.80 0.26 -27.68
N PHE A 238 12.06 1.49 -28.13
CA PHE A 238 11.13 2.16 -29.06
C PHE A 238 11.24 1.52 -30.46
N LEU A 239 12.40 0.97 -30.80
CA LEU A 239 12.61 0.19 -32.05
C LEU A 239 11.79 -1.13 -32.00
N HIS A 240 11.59 -1.72 -30.81
CA HIS A 240 10.88 -3.01 -30.56
C HIS A 240 9.40 -2.77 -30.21
N MET A 241 9.01 -1.55 -29.84
CA MET A 241 7.58 -1.13 -29.81
C MET A 241 7.10 -0.91 -31.26
N LYS A 242 8.02 -0.73 -32.21
CA LYS A 242 7.72 -0.45 -33.65
C LYS A 242 7.66 -1.75 -34.45
N VAL A 243 8.30 -2.85 -34.01
CA VAL A 243 8.19 -4.22 -34.61
C VAL A 243 7.09 -5.01 -33.89
N GLU A 244 6.36 -4.35 -32.99
CA GLU A 244 5.25 -4.97 -32.23
C GLU A 244 3.98 -4.17 -32.49
N CYS A 245 3.70 -3.19 -31.62
CA CYS A 245 2.46 -2.37 -31.73
C CYS A 245 2.43 -1.46 -32.97
N THR A 247 2.18 1.88 -35.42
CA THR A 247 2.60 3.31 -35.46
C THR A 247 1.41 4.27 -35.40
N GLU A 248 0.25 3.85 -35.91
CA GLU A 248 -0.96 4.70 -35.79
C GLU A 248 -1.40 4.66 -34.33
N LEU A 249 -0.78 3.79 -33.54
CA LEU A 249 -1.21 3.60 -32.13
C LEU A 249 -0.49 4.63 -31.23
N PHE A 250 0.74 5.01 -31.57
CA PHE A 250 1.57 5.88 -30.72
C PHE A 250 1.10 7.33 -30.82
N PRO A 251 0.77 8.01 -29.71
CA PRO A 251 0.42 9.42 -29.71
C PRO A 251 1.49 10.27 -30.40
N PRO A 252 1.11 11.48 -30.81
CA PRO A 252 1.91 12.23 -31.77
C PRO A 252 3.16 12.84 -31.09
N LEU A 253 3.02 13.40 -29.87
CA LEU A 253 4.19 13.91 -29.10
C LEU A 253 5.18 12.78 -28.78
N PHE A 254 4.72 11.57 -28.44
CA PHE A 254 5.63 10.42 -28.22
C PHE A 254 6.51 10.22 -29.46
N LEU A 255 5.98 10.32 -30.68
CA LEU A 255 6.79 10.00 -31.88
C LEU A 255 7.79 11.12 -32.14
N GLU A 256 7.37 12.36 -31.98
CA GLU A 256 8.32 13.49 -32.11
C GLU A 256 9.52 13.31 -31.18
N VAL A 257 9.25 13.03 -29.92
CA VAL A 257 10.28 13.19 -28.88
C VAL A 257 11.22 12.01 -28.97
N PHE A 258 10.69 10.81 -29.20
CA PHE A 258 11.51 9.59 -28.99
C PHE A 258 12.04 9.09 -30.33
N GLU A 259 11.70 9.77 -31.42
CA GLU A 259 12.39 9.54 -32.71
C GLU A 259 13.25 10.76 -33.07
N ASP A 260 13.92 10.74 -34.22
CA ASP A 260 14.90 11.78 -34.65
C ASP A 260 14.33 12.59 -35.82
N PRO B 11 16.70 -6.97 14.66
CA PRO B 11 16.20 -5.78 13.94
C PRO B 11 14.86 -5.29 14.50
N GLU B 12 14.82 -4.03 14.97
CA GLU B 12 13.66 -3.42 15.69
C GLU B 12 12.98 -2.41 14.77
N PRO B 13 11.74 -1.95 15.06
CA PRO B 13 10.94 -1.32 14.02
C PRO B 13 11.62 -0.08 13.40
N THR B 14 11.40 0.16 12.11
CA THR B 14 11.72 1.44 11.43
C THR B 14 10.60 2.44 11.75
N ASP B 15 10.72 3.72 11.40
CA ASP B 15 9.83 4.79 11.97
C ASP B 15 8.58 4.97 11.11
N GLU B 16 8.57 4.43 9.90
CA GLU B 16 7.34 4.35 9.09
C GLU B 16 6.59 3.09 9.52
N GLU B 17 7.31 2.04 9.92
CA GLU B 17 6.70 0.83 10.53
C GLU B 17 6.06 1.23 11.87
N TRP B 18 6.66 2.13 12.64
CA TRP B 18 6.12 2.54 13.96
C TRP B 18 4.84 3.34 13.76
N GLU B 19 4.67 3.86 12.56
CA GLU B 19 3.48 4.67 12.21
C GLU B 19 2.31 3.74 11.94
N LEU B 20 2.60 2.69 11.18
CA LEU B 20 1.68 1.57 10.92
C LEU B 20 1.36 0.82 12.21
N ILE B 21 2.32 0.54 13.09
CA ILE B 21 2.04 -0.10 14.39
C ILE B 21 1.00 0.72 15.18
N LYS B 22 1.21 2.04 15.33
CA LYS B 22 0.32 2.88 16.16
C LYS B 22 -1.03 3.00 15.45
N THR B 23 -1.03 3.05 14.12
CA THR B 23 -2.28 3.09 13.34
C THR B 23 -3.10 1.82 13.60
N VAL B 24 -2.53 0.61 13.45
CA VAL B 24 -3.30 -0.66 13.65
C VAL B 24 -3.61 -0.82 15.12
N THR B 25 -2.69 -0.43 16.00
CA THR B 25 -2.94 -0.62 17.43
C THR B 25 -4.15 0.21 17.82
N GLU B 26 -4.23 1.45 17.33
CA GLU B 26 -5.37 2.36 17.64
C GLU B 26 -6.64 1.75 17.06
N ALA B 27 -6.62 1.33 15.79
CA ALA B 27 -7.81 0.77 15.11
C ALA B 27 -8.38 -0.39 15.95
N HIS B 28 -7.50 -1.18 16.56
CA HIS B 28 -7.90 -2.33 17.39
C HIS B 28 -8.55 -1.79 18.67
N VAL B 29 -7.86 -0.97 19.45
CA VAL B 29 -8.39 -0.54 20.78
C VAL B 29 -9.69 0.26 20.63
N ALA B 30 -9.76 1.08 19.59
CA ALA B 30 -10.94 1.84 19.20
C ALA B 30 -12.09 0.91 18.83
N THR B 31 -11.84 -0.35 18.52
CA THR B 31 -12.91 -1.24 18.01
C THR B 31 -13.03 -2.51 18.83
N ASN B 32 -12.61 -2.48 20.09
CA ASN B 32 -12.52 -3.68 20.94
C ASN B 32 -13.41 -3.56 22.18
N ALA B 33 -14.56 -4.24 22.21
CA ALA B 33 -15.63 -3.98 23.22
C ALA B 33 -15.01 -3.90 24.63
N GLN B 34 -15.37 -2.88 25.40
CA GLN B 34 -14.91 -2.62 26.80
C GLN B 34 -13.37 -2.59 26.90
N GLY B 35 -12.68 -1.97 25.95
CA GLY B 35 -11.20 -1.95 25.92
C GLY B 35 -10.60 -1.55 27.26
N SER B 36 -9.89 -2.47 27.93
CA SER B 36 -9.10 -2.24 29.19
C SER B 36 -9.97 -2.26 30.45
N HIS B 37 -11.26 -2.61 30.34
CA HIS B 37 -12.24 -2.59 31.46
C HIS B 37 -12.99 -3.94 31.59
N TRP B 38 -12.98 -4.75 30.53
CA TRP B 38 -13.74 -6.02 30.39
C TRP B 38 -13.56 -6.90 31.62
N LYS B 39 -12.39 -6.87 32.25
CA LYS B 39 -12.02 -7.84 33.34
C LYS B 39 -13.04 -7.69 34.49
N GLN B 40 -13.67 -6.52 34.62
CA GLN B 40 -14.61 -6.20 35.73
C GLN B 40 -16.05 -6.38 35.26
N LYS B 41 -16.35 -5.92 34.04
CA LYS B 41 -17.72 -5.92 33.49
C LYS B 41 -18.18 -7.35 33.16
N ARG B 42 -17.32 -8.37 33.27
CA ARG B 42 -17.68 -9.76 32.87
C ARG B 42 -18.82 -10.30 33.75
N LYS B 43 -20.06 -10.27 33.24
CA LYS B 43 -21.25 -10.89 33.89
C LYS B 43 -21.30 -12.36 33.45
N PHE B 44 -20.97 -13.29 34.35
CA PHE B 44 -20.87 -14.74 34.03
C PHE B 44 -22.27 -15.25 33.71
N LEU B 45 -22.41 -16.00 32.63
CA LEU B 45 -23.72 -16.51 32.20
C LEU B 45 -24.07 -17.66 33.12
N PRO B 46 -25.31 -17.71 33.65
CA PRO B 46 -25.84 -18.90 34.32
C PRO B 46 -25.59 -20.23 33.59
N GLU B 47 -25.31 -21.28 34.36
CA GLU B 47 -24.89 -22.61 33.81
C GLU B 47 -26.13 -23.36 33.30
N ASP B 48 -27.33 -22.92 33.70
CA ASP B 48 -28.63 -23.52 33.27
C ASP B 48 -28.95 -23.11 31.82
N ILE B 49 -28.36 -22.01 31.34
CA ILE B 49 -28.62 -21.47 29.98
C ILE B 49 -27.92 -22.37 28.96
N GLY B 50 -26.72 -22.87 29.24
CA GLY B 50 -26.05 -23.74 28.27
C GLY B 50 -25.72 -25.12 28.82
N GLN B 51 -26.74 -25.96 29.02
CA GLN B 51 -26.63 -27.27 29.72
C GLN B 51 -26.69 -28.43 28.73
N ALA B 52 -26.30 -29.63 29.16
CA ALA B 52 -26.43 -30.87 28.37
C ALA B 52 -27.36 -31.87 29.09
N PRO B 53 -28.48 -32.32 28.45
CA PRO B 53 -29.53 -33.15 29.09
C PRO B 53 -29.09 -34.43 29.83
N ILE B 54 -28.72 -35.44 29.06
CA ILE B 54 -28.23 -36.73 29.59
C ILE B 54 -26.71 -36.72 29.50
N VAL B 55 -26.05 -36.81 30.64
CA VAL B 55 -24.57 -36.96 30.75
C VAL B 55 -24.19 -38.39 30.35
N GLU B 59 -19.89 -35.44 22.14
CA GLU B 59 -21.29 -35.61 21.69
C GLU B 59 -21.77 -34.27 21.09
N GLY B 60 -22.49 -34.34 19.99
CA GLY B 60 -23.15 -33.16 19.41
C GLY B 60 -24.67 -33.31 19.42
N GLY B 61 -25.35 -32.61 20.32
CA GLY B 61 -26.83 -32.58 20.35
C GLY B 61 -27.42 -31.61 19.31
N LYS B 62 -28.66 -31.14 19.50
CA LYS B 62 -29.27 -30.04 18.71
C LYS B 62 -28.91 -28.73 19.40
N VAL B 63 -29.81 -27.76 19.51
CA VAL B 63 -29.42 -26.43 20.03
C VAL B 63 -30.36 -25.98 21.14
N ASP B 64 -29.82 -25.77 22.33
CA ASP B 64 -30.45 -25.04 23.46
C ASP B 64 -30.83 -23.63 22.96
N LEU B 65 -32.10 -23.44 22.60
CA LEU B 65 -32.57 -22.23 21.91
C LEU B 65 -32.59 -21.05 22.87
N GLU B 66 -32.46 -21.28 24.18
CA GLU B 66 -32.34 -20.12 25.13
C GLU B 66 -30.96 -19.48 24.97
N ALA B 67 -29.88 -20.30 24.97
CA ALA B 67 -28.46 -19.92 24.76
C ALA B 67 -28.28 -19.31 23.35
N PHE B 68 -28.83 -19.97 22.32
CA PHE B 68 -28.91 -19.45 20.92
C PHE B 68 -29.56 -18.08 20.85
N SER B 69 -30.25 -17.61 21.87
CA SER B 69 -30.94 -16.30 21.84
C SER B 69 -30.08 -15.26 22.52
N HIS B 70 -29.22 -15.66 23.44
CA HIS B 70 -28.28 -14.71 24.05
C HIS B 70 -27.17 -14.44 23.02
N PHE B 71 -26.93 -15.42 22.13
CA PHE B 71 -25.85 -15.38 21.14
C PHE B 71 -26.30 -14.61 19.89
N THR B 72 -27.59 -14.61 19.60
CA THR B 72 -28.15 -13.90 18.42
C THR B 72 -28.15 -12.38 18.67
N LYS B 73 -27.97 -11.96 19.90
CA LYS B 73 -28.13 -10.52 20.25
C LYS B 73 -26.79 -9.81 20.23
N ILE B 74 -25.71 -10.58 20.36
CA ILE B 74 -24.32 -10.03 20.47
C ILE B 74 -23.45 -10.31 19.23
N ILE B 75 -23.95 -11.06 18.23
CA ILE B 75 -23.19 -11.37 17.00
C ILE B 75 -23.10 -10.10 16.14
N THR B 76 -24.23 -9.51 15.82
CA THR B 76 -24.30 -8.28 15.02
C THR B 76 -23.24 -7.30 15.53
N PRO B 77 -23.35 -6.80 16.77
CA PRO B 77 -22.35 -5.83 17.26
C PRO B 77 -20.89 -6.31 17.19
N ALA B 78 -20.63 -7.61 17.14
CA ALA B 78 -19.25 -8.15 17.11
C ALA B 78 -18.68 -8.15 15.68
N ILE B 79 -19.53 -8.46 14.71
CA ILE B 79 -19.25 -8.42 13.25
C ILE B 79 -19.01 -6.97 12.84
N THR B 80 -19.72 -6.07 13.49
CA THR B 80 -19.71 -4.61 13.24
C THR B 80 -18.39 -4.01 13.75
N ARG B 81 -17.85 -4.54 14.83
CA ARG B 81 -16.58 -4.04 15.41
C ARG B 81 -15.37 -4.46 14.54
N VAL B 82 -15.53 -5.56 13.82
CA VAL B 82 -14.45 -5.96 12.91
C VAL B 82 -14.57 -5.12 11.64
N VAL B 83 -15.76 -4.81 11.14
CA VAL B 83 -15.86 -3.94 9.93
C VAL B 83 -15.30 -2.57 10.31
N ASP B 84 -15.39 -2.15 11.57
CA ASP B 84 -14.86 -0.86 12.00
C ASP B 84 -13.33 -0.91 12.07
N PHE B 85 -12.73 -2.05 12.42
CA PHE B 85 -11.26 -2.18 12.54
C PHE B 85 -10.65 -2.01 11.15
N ALA B 86 -11.15 -2.82 10.22
CA ALA B 86 -10.78 -2.76 8.81
C ALA B 86 -10.95 -1.35 8.24
N LYS B 87 -11.88 -0.57 8.77
CA LYS B 87 -12.21 0.74 8.18
C LYS B 87 -11.24 1.79 8.70
N LYS B 88 -10.72 1.57 9.89
CA LYS B 88 -9.68 2.43 10.50
C LYS B 88 -8.27 2.09 9.96
N LEU B 89 -8.10 1.34 8.87
CA LEU B 89 -6.77 0.99 8.34
C LEU B 89 -6.66 1.50 6.91
N PRO B 90 -5.80 2.49 6.62
CA PRO B 90 -5.85 3.07 5.27
C PRO B 90 -5.58 2.11 4.10
N MET B 91 -4.78 1.07 4.31
CA MET B 91 -4.48 0.13 3.21
C MET B 91 -5.76 -0.59 2.78
N PHE B 92 -6.55 -1.01 3.77
CA PHE B 92 -7.88 -1.56 3.56
C PHE B 92 -8.72 -0.56 2.77
N CYS B 93 -8.78 0.73 3.16
CA CYS B 93 -9.65 1.77 2.48
C CYS B 93 -9.21 2.04 1.04
N GLU B 94 -7.97 1.72 0.64
CA GLU B 94 -7.48 1.89 -0.77
C GLU B 94 -7.91 0.70 -1.66
N LEU B 95 -8.48 -0.36 -1.06
CA LEU B 95 -8.92 -1.52 -1.85
C LEU B 95 -10.31 -1.22 -2.42
N PRO B 96 -10.58 -1.76 -3.62
CA PRO B 96 -11.89 -1.69 -4.23
C PRO B 96 -12.97 -2.34 -3.34
N CYS B 97 -14.23 -1.97 -3.54
CA CYS B 97 -15.33 -2.24 -2.60
C CYS B 97 -15.65 -3.75 -2.54
N GLU B 98 -15.70 -4.42 -3.70
CA GLU B 98 -15.93 -5.88 -3.83
C GLU B 98 -14.82 -6.68 -3.09
N ASP B 99 -13.56 -6.24 -3.09
CA ASP B 99 -12.48 -6.91 -2.35
C ASP B 99 -12.59 -6.58 -0.85
N GLN B 100 -13.04 -5.38 -0.46
CA GLN B 100 -13.21 -5.07 1.00
C GLN B 100 -14.20 -6.04 1.62
N ILE B 101 -15.15 -6.49 0.80
CA ILE B 101 -16.29 -7.31 1.29
C ILE B 101 -15.79 -8.75 1.45
N ILE B 102 -15.28 -9.33 0.36
CA ILE B 102 -14.58 -10.64 0.38
C ILE B 102 -13.62 -10.71 1.58
N LEU B 103 -12.83 -9.67 1.82
CA LEU B 103 -11.85 -9.79 2.93
C LEU B 103 -12.56 -9.84 4.28
N LEU B 104 -13.60 -9.05 4.47
CA LEU B 104 -14.28 -8.99 5.79
C LEU B 104 -15.05 -10.30 6.05
N LYS B 105 -15.59 -10.88 4.99
CA LYS B 105 -16.28 -12.18 5.04
C LYS B 105 -15.29 -13.25 5.44
N GLY B 106 -14.10 -13.18 4.87
CA GLY B 106 -13.04 -14.14 5.15
C GLY B 106 -12.56 -14.10 6.58
N CYS B 107 -12.53 -12.98 7.30
CA CYS B 107 -11.72 -12.89 8.53
C CYS B 107 -12.57 -12.58 9.76
N CYS B 108 -13.84 -12.32 9.53
CA CYS B 108 -14.76 -11.92 10.58
C CYS B 108 -14.73 -12.88 11.77
N MET B 109 -14.92 -14.17 11.51
CA MET B 109 -14.88 -15.18 12.56
C MET B 109 -13.47 -15.29 13.15
N GLU B 110 -12.49 -15.34 12.25
CA GLU B 110 -11.08 -15.46 12.69
C GLU B 110 -10.76 -14.34 13.66
N ILE B 111 -11.17 -13.10 13.36
CA ILE B 111 -10.85 -11.95 14.24
C ILE B 111 -11.71 -12.07 15.50
N MET B 112 -13.00 -12.38 15.36
CA MET B 112 -13.92 -12.53 16.55
C MET B 112 -13.45 -13.61 17.53
N SER B 113 -12.89 -14.72 17.02
CA SER B 113 -12.35 -15.81 17.86
C SER B 113 -11.05 -15.34 18.50
N LEU B 114 -10.18 -14.61 17.79
CA LEU B 114 -8.86 -14.23 18.37
C LEU B 114 -9.13 -13.30 19.52
N ARG B 115 -10.14 -12.48 19.33
CA ARG B 115 -10.53 -11.45 20.33
C ARG B 115 -11.18 -12.11 21.55
N ALA B 116 -11.95 -13.17 21.34
CA ALA B 116 -12.48 -13.97 22.45
C ALA B 116 -11.35 -14.68 23.20
N ALA B 117 -10.53 -15.37 22.45
CA ALA B 117 -9.50 -16.22 23.00
C ALA B 117 -8.51 -15.41 23.81
N VAL B 118 -8.16 -14.21 23.39
CA VAL B 118 -7.21 -13.44 24.24
C VAL B 118 -7.93 -13.05 25.52
N ARG B 119 -9.24 -13.30 25.64
CA ARG B 119 -10.00 -12.92 26.86
C ARG B 119 -10.47 -14.19 27.60
N TYR B 120 -9.58 -15.19 27.67
CA TYR B 120 -9.76 -16.44 28.42
C TYR B 120 -9.18 -16.25 29.83
N ASP B 121 -9.98 -16.42 30.89
CA ASP B 121 -9.51 -16.45 32.30
C ASP B 121 -9.37 -17.90 32.76
N PRO B 122 -8.14 -18.41 32.97
CA PRO B 122 -7.92 -19.82 33.32
C PRO B 122 -8.74 -20.32 34.53
N GLU B 123 -8.86 -19.51 35.58
CA GLU B 123 -9.63 -19.79 36.83
C GLU B 123 -11.12 -20.03 36.53
N SER B 124 -11.76 -19.20 35.71
CA SER B 124 -13.20 -19.34 35.37
C SER B 124 -13.45 -20.33 34.23
N GLU B 125 -12.41 -20.78 33.50
CA GLU B 125 -12.56 -21.57 32.23
C GLU B 125 -13.62 -20.92 31.34
N THR B 126 -13.55 -19.58 31.18
CA THR B 126 -14.51 -18.73 30.40
C THR B 126 -13.82 -17.90 29.30
N LEU B 127 -14.61 -17.49 28.31
CA LEU B 127 -14.26 -16.44 27.32
C LEU B 127 -15.20 -15.26 27.52
N THR B 128 -14.70 -14.02 27.62
CA THR B 128 -15.55 -12.80 27.57
C THR B 128 -15.91 -12.49 26.10
N LEU B 129 -17.20 -12.39 25.78
CA LEU B 129 -17.77 -12.00 24.46
C LEU B 129 -18.41 -10.61 24.57
N ASN B 130 -18.20 -9.72 23.61
CA ASN B 130 -18.60 -8.27 23.69
C ASN B 130 -18.18 -7.59 24.98
N GLY B 131 -17.10 -8.04 25.61
CA GLY B 131 -16.54 -7.44 26.82
C GLY B 131 -17.49 -7.47 28.00
N GLU B 132 -18.57 -8.27 27.93
CA GLU B 132 -19.57 -8.38 29.03
C GLU B 132 -20.01 -9.83 29.30
N MET B 133 -20.31 -10.62 28.27
CA MET B 133 -20.88 -11.98 28.40
C MET B 133 -19.79 -13.06 28.57
N ALA B 134 -19.36 -13.36 29.78
CA ALA B 134 -18.39 -14.45 30.00
C ALA B 134 -19.14 -15.77 29.84
N VAL B 135 -18.64 -16.68 29.00
CA VAL B 135 -19.32 -17.96 28.71
C VAL B 135 -18.32 -19.10 28.88
N THR B 136 -18.79 -20.34 28.70
CA THR B 136 -17.97 -21.55 28.89
C THR B 136 -18.13 -22.47 27.69
N ARG B 137 -17.23 -23.45 27.57
CA ARG B 137 -17.17 -24.34 26.38
C ARG B 137 -18.54 -24.91 26.01
N GLY B 138 -19.24 -25.56 26.98
CA GLY B 138 -20.56 -26.15 26.70
C GLY B 138 -21.60 -25.11 26.36
N GLN B 139 -21.60 -23.96 27.05
CA GLN B 139 -22.56 -22.86 26.75
C GLN B 139 -22.43 -22.44 25.28
N LEU B 140 -21.19 -22.37 24.78
CA LEU B 140 -20.91 -21.92 23.39
C LEU B 140 -21.14 -23.07 22.42
N LYS B 141 -20.87 -24.30 22.85
CA LYS B 141 -21.05 -25.50 21.98
C LYS B 141 -22.54 -25.71 21.78
N ASN B 142 -23.30 -25.60 22.87
CA ASN B 142 -24.72 -25.99 22.86
C ASN B 142 -25.49 -24.82 22.31
N GLY B 143 -24.95 -23.60 22.49
CA GLY B 143 -25.49 -22.37 21.93
C GLY B 143 -25.55 -22.32 20.41
N GLY B 144 -24.71 -23.08 19.70
CA GLY B 144 -24.77 -23.16 18.23
C GLY B 144 -23.42 -23.48 17.60
N LEU B 145 -22.32 -23.07 18.22
CA LEU B 145 -21.02 -23.20 17.55
C LEU B 145 -20.64 -24.68 17.43
N GLY B 146 -20.79 -25.41 18.52
CA GLY B 146 -20.44 -26.84 18.53
C GLY B 146 -18.95 -27.02 18.60
N VAL B 147 -18.43 -28.02 17.89
CA VAL B 147 -16.99 -28.38 17.88
C VAL B 147 -16.13 -27.11 17.70
N VAL B 148 -16.62 -26.08 17.01
CA VAL B 148 -15.87 -24.80 16.84
C VAL B 148 -15.54 -24.25 18.23
N SER B 149 -16.45 -24.38 19.19
CA SER B 149 -16.18 -23.92 20.58
C SER B 149 -14.93 -24.62 21.17
N ASP B 150 -14.65 -25.83 20.77
CA ASP B 150 -13.53 -26.56 21.43
C ASP B 150 -12.24 -25.97 20.85
N ALA B 151 -12.32 -25.52 19.60
CA ALA B 151 -11.16 -24.96 18.86
C ALA B 151 -10.80 -23.59 19.44
N ILE B 152 -11.82 -22.76 19.65
CA ILE B 152 -11.61 -21.38 20.15
C ILE B 152 -11.11 -21.51 21.58
N PHE B 153 -11.77 -22.35 22.37
CA PHE B 153 -11.42 -22.48 23.80
C PHE B 153 -10.00 -22.99 23.90
N ASP B 154 -9.66 -23.95 23.04
CA ASP B 154 -8.27 -24.49 23.01
C ASP B 154 -7.28 -23.40 22.54
N LEU B 155 -7.63 -22.56 21.56
CA LEU B 155 -6.75 -21.44 21.16
C LEU B 155 -6.56 -20.52 22.37
N GLY B 156 -7.66 -20.25 23.09
CA GLY B 156 -7.63 -19.45 24.32
C GLY B 156 -6.58 -19.94 25.29
N MET B 157 -6.50 -21.26 25.49
CA MET B 157 -5.58 -21.88 26.48
C MET B 157 -4.13 -21.75 26.00
N SER B 158 -3.88 -22.19 24.78
CA SER B 158 -2.63 -21.94 24.03
C SER B 158 -2.16 -20.47 24.13
N LEU B 159 -3.04 -19.46 23.86
CA LEU B 159 -2.58 -18.05 23.72
C LEU B 159 -2.12 -17.49 25.08
N SER B 160 -2.55 -18.05 26.20
CA SER B 160 -2.17 -17.49 27.54
C SER B 160 -0.66 -17.26 27.66
N SER B 161 0.12 -18.32 27.43
CA SER B 161 1.59 -18.32 27.56
C SER B 161 2.21 -17.17 26.74
N PHE B 162 1.54 -16.58 25.74
CA PHE B 162 2.17 -15.59 24.81
C PHE B 162 2.05 -14.15 25.35
N ASN B 163 1.15 -13.92 26.32
CA ASN B 163 1.01 -12.60 27.01
C ASN B 163 0.79 -11.47 26.00
N LEU B 164 -0.18 -11.64 25.10
CA LEU B 164 -0.28 -10.73 23.94
C LEU B 164 -0.78 -9.37 24.42
N ASP B 165 -0.11 -8.34 23.94
CA ASP B 165 -0.50 -6.93 24.15
C ASP B 165 -1.46 -6.53 23.02
N ASP B 166 -2.05 -5.34 23.09
CA ASP B 166 -3.03 -4.84 22.10
C ASP B 166 -2.40 -4.79 20.70
N THR B 167 -1.12 -4.44 20.61
CA THR B 167 -0.44 -4.31 19.30
C THR B 167 -0.28 -5.66 18.62
N GLU B 168 0.14 -6.69 19.35
CA GLU B 168 0.30 -8.06 18.77
C GLU B 168 -1.05 -8.61 18.29
N VAL B 169 -2.09 -8.45 19.11
CA VAL B 169 -3.46 -8.89 18.73
C VAL B 169 -3.89 -8.10 17.48
N ALA B 170 -3.51 -6.82 17.41
CA ALA B 170 -3.90 -5.92 16.31
C ALA B 170 -3.21 -6.31 15.00
N LEU B 171 -1.93 -6.62 15.07
CA LEU B 171 -1.18 -6.97 13.84
C LEU B 171 -1.61 -8.35 13.32
N LEU B 172 -1.93 -9.29 14.21
CA LEU B 172 -2.51 -10.60 13.83
C LEU B 172 -3.83 -10.41 13.07
N GLN B 173 -4.70 -9.56 13.61
CA GLN B 173 -5.93 -9.18 12.90
C GLN B 173 -5.60 -8.65 11.50
N ALA B 174 -4.65 -7.72 11.38
CA ALA B 174 -4.37 -7.11 10.06
C ALA B 174 -3.87 -8.18 9.10
N VAL B 175 -3.11 -9.15 9.63
CA VAL B 175 -2.55 -10.23 8.82
C VAL B 175 -3.66 -11.17 8.37
N LEU B 176 -4.63 -11.44 9.25
CA LEU B 176 -5.79 -12.28 8.85
C LEU B 176 -6.63 -11.58 7.77
N LEU B 177 -6.95 -10.31 8.02
CA LEU B 177 -7.67 -9.43 7.07
C LEU B 177 -7.01 -9.42 5.69
N MET B 178 -5.69 -9.20 5.58
CA MET B 178 -5.00 -9.07 4.27
C MET B 178 -4.62 -10.45 3.68
N SER B 179 -5.61 -11.29 3.42
CA SER B 179 -5.34 -12.69 3.02
C SER B 179 -5.68 -12.84 1.56
N SER B 180 -4.66 -12.91 0.72
CA SER B 180 -4.84 -12.76 -0.73
C SER B 180 -5.46 -14.00 -1.38
N ASP B 181 -5.79 -15.01 -0.57
CA ASP B 181 -6.24 -16.34 -1.03
C ASP B 181 -7.74 -16.44 -0.84
N ARG B 182 -8.38 -15.54 -0.09
CA ARG B 182 -9.86 -15.34 -0.15
C ARG B 182 -10.30 -15.44 -1.62
N PRO B 183 -11.31 -16.27 -1.91
CA PRO B 183 -11.71 -16.50 -3.28
C PRO B 183 -12.54 -15.31 -3.79
N GLY B 184 -12.33 -14.99 -5.07
CA GLY B 184 -13.06 -13.92 -5.77
C GLY B 184 -12.38 -12.56 -5.71
N LEU B 185 -11.24 -12.43 -5.03
CA LEU B 185 -10.51 -11.15 -4.89
C LEU B 185 -9.96 -10.75 -6.25
N ALA B 186 -9.85 -9.44 -6.51
CA ALA B 186 -9.22 -8.89 -7.74
C ALA B 186 -7.75 -8.49 -7.53
N CYS B 187 -7.44 -7.85 -6.40
CA CYS B 187 -6.18 -7.18 -6.03
C CYS B 187 -5.27 -8.11 -5.24
N VAL B 188 -4.91 -9.24 -5.83
CA VAL B 188 -4.27 -10.39 -5.11
C VAL B 188 -2.85 -10.02 -4.65
N GLU B 189 -2.09 -9.48 -5.56
CA GLU B 189 -0.73 -9.02 -5.25
C GLU B 189 -0.77 -7.94 -4.17
N ARG B 190 -1.53 -6.86 -4.39
CA ARG B 190 -1.53 -5.71 -3.46
C ARG B 190 -1.90 -6.25 -2.07
N ILE B 191 -2.89 -7.15 -2.02
CA ILE B 191 -3.41 -7.60 -0.73
C ILE B 191 -2.26 -8.36 -0.08
N GLU B 192 -1.54 -9.18 -0.81
CA GLU B 192 -0.33 -9.86 -0.24
C GLU B 192 0.73 -8.83 0.14
N LYS B 193 0.97 -7.85 -0.71
CA LYS B 193 1.91 -6.77 -0.43
C LYS B 193 1.57 -6.09 0.90
N TYR B 194 0.29 -5.77 1.12
CA TYR B 194 -0.12 -5.07 2.35
C TYR B 194 0.12 -5.98 3.55
N GLN B 195 -0.06 -7.28 3.35
CA GLN B 195 0.15 -8.28 4.43
C GLN B 195 1.63 -8.38 4.75
N ASP B 196 2.48 -8.46 3.70
CA ASP B 196 3.96 -8.47 3.85
C ASP B 196 4.41 -7.26 4.69
N SER B 197 3.80 -6.11 4.48
CA SER B 197 4.11 -4.89 5.24
C SER B 197 3.76 -5.10 6.71
N PHE B 198 2.63 -5.71 7.01
CA PHE B 198 2.29 -5.88 8.44
C PHE B 198 3.22 -6.93 9.04
N LEU B 199 3.60 -7.95 8.27
CA LEU B 199 4.38 -9.09 8.84
C LEU B 199 5.80 -8.69 9.30
N LEU B 200 6.59 -7.92 8.56
CA LEU B 200 7.92 -7.49 9.11
C LEU B 200 7.73 -6.40 10.19
N ALA B 201 6.70 -5.57 10.09
CA ALA B 201 6.37 -4.61 11.16
C ALA B 201 6.13 -5.39 12.45
N PHE B 202 5.47 -6.53 12.31
CA PHE B 202 5.05 -7.39 13.43
C PHE B 202 6.30 -8.06 14.01
N GLU B 203 7.12 -8.65 13.14
CA GLU B 203 8.39 -9.30 13.55
C GLU B 203 9.27 -8.27 14.27
N HIS B 204 9.36 -7.05 13.73
CA HIS B 204 10.18 -5.98 14.33
C HIS B 204 9.61 -5.60 15.70
N TYR B 205 8.29 -5.61 15.87
CA TYR B 205 7.69 -5.32 17.17
C TYR B 205 7.87 -6.51 18.13
N ILE B 206 8.06 -7.72 17.61
CA ILE B 206 8.30 -8.91 18.48
C ILE B 206 9.72 -8.80 19.06
N ASN B 207 10.70 -8.48 18.20
CA ASN B 207 12.12 -8.33 18.58
C ASN B 207 12.24 -7.31 19.71
N TYR B 208 11.58 -6.16 19.54
CA TYR B 208 11.57 -5.02 20.49
C TYR B 208 10.79 -5.39 21.76
N ARG B 209 9.86 -6.33 21.64
CA ARG B 209 9.00 -6.70 22.80
C ARG B 209 9.80 -7.68 23.67
N LYS B 210 11.02 -8.03 23.26
CA LYS B 210 11.98 -8.84 24.04
C LYS B 210 11.22 -9.88 24.89
N HIS B 211 10.21 -10.54 24.31
CA HIS B 211 9.45 -11.63 24.99
C HIS B 211 10.48 -12.63 25.55
N HIS B 212 10.27 -13.13 26.79
CA HIS B 212 11.14 -14.13 27.48
C HIS B 212 10.68 -15.54 27.10
N VAL B 213 10.75 -15.88 25.80
CA VAL B 213 10.44 -17.21 25.20
C VAL B 213 11.12 -17.13 23.80
N THR B 214 11.65 -18.26 23.35
CA THR B 214 12.25 -18.33 21.99
C THR B 214 11.15 -18.85 21.07
N HIS B 215 11.43 -19.03 19.77
CA HIS B 215 10.39 -19.48 18.81
C HIS B 215 8.98 -18.96 19.22
N PHE B 216 8.86 -17.68 19.56
CA PHE B 216 7.57 -17.07 19.94
C PHE B 216 6.97 -16.60 18.64
N TRP B 217 7.80 -15.94 17.82
CA TRP B 217 7.43 -15.48 16.45
C TRP B 217 6.96 -16.70 15.65
N PRO B 218 7.80 -17.70 15.37
CA PRO B 218 7.31 -18.92 14.74
C PRO B 218 5.99 -19.48 15.32
N LYS B 219 5.94 -19.61 16.64
CA LYS B 219 4.77 -20.25 17.25
C LYS B 219 3.58 -19.30 17.35
N LEU B 220 3.75 -17.96 17.32
CA LEU B 220 2.60 -17.03 17.30
C LEU B 220 1.97 -17.14 15.91
N LEU B 221 2.81 -17.14 14.90
CA LEU B 221 2.39 -17.18 13.48
C LEU B 221 1.59 -18.44 13.19
N MET B 222 1.91 -19.51 13.89
CA MET B 222 1.29 -20.82 13.60
C MET B 222 -0.15 -20.79 14.11
N LYS B 223 -0.44 -19.92 15.07
CA LYS B 223 -1.83 -19.70 15.52
C LYS B 223 -2.63 -19.19 14.31
N VAL B 224 -1.97 -18.66 13.29
CA VAL B 224 -2.71 -18.19 12.09
C VAL B 224 -3.39 -19.38 11.47
N THR B 225 -2.67 -20.48 11.41
CA THR B 225 -3.25 -21.76 10.96
C THR B 225 -4.48 -22.06 11.83
N ASP B 226 -4.32 -22.03 13.13
CA ASP B 226 -5.45 -22.45 14.01
C ASP B 226 -6.66 -21.59 13.69
N LEU B 227 -6.50 -20.27 13.70
CA LEU B 227 -7.59 -19.33 13.39
C LEU B 227 -8.17 -19.59 12.02
N ARG B 228 -7.38 -20.02 11.06
CA ARG B 228 -7.96 -20.22 9.71
C ARG B 228 -8.66 -21.55 9.65
N MET B 229 -8.32 -22.47 10.53
CA MET B 229 -9.06 -23.75 10.64
C MET B 229 -10.37 -23.47 11.40
N ILE B 230 -10.38 -22.52 12.34
CA ILE B 230 -11.60 -22.14 13.09
C ILE B 230 -12.62 -21.50 12.12
N GLY B 231 -12.13 -20.71 11.19
CA GLY B 231 -13.01 -20.04 10.22
C GLY B 231 -13.70 -21.03 9.31
N ALA B 232 -13.00 -22.05 8.85
CA ALA B 232 -13.55 -23.04 7.88
C ALA B 232 -14.48 -24.01 8.62
N CYS B 233 -14.23 -24.13 9.92
CA CYS B 233 -15.04 -24.95 10.82
C CYS B 233 -16.35 -24.23 11.09
N HIS B 234 -16.28 -22.91 11.22
CA HIS B 234 -17.49 -22.12 11.47
C HIS B 234 -18.37 -22.14 10.22
N ALA B 235 -17.75 -22.34 9.05
CA ALA B 235 -18.43 -22.37 7.75
C ALA B 235 -19.32 -23.62 7.70
N SER B 236 -18.74 -24.76 8.04
CA SER B 236 -19.43 -26.07 8.06
C SER B 236 -20.63 -26.02 8.99
N ARG B 237 -20.39 -25.58 10.24
CA ARG B 237 -21.44 -25.58 11.26
C ARG B 237 -22.59 -24.70 10.75
N PHE B 238 -22.29 -23.64 9.98
CA PHE B 238 -23.29 -22.68 9.48
C PHE B 238 -24.27 -23.40 8.58
N LEU B 239 -23.73 -24.25 7.69
CA LEU B 239 -24.51 -25.03 6.69
C LEU B 239 -25.30 -26.13 7.40
N HIS B 240 -24.97 -26.42 8.67
CA HIS B 240 -25.69 -27.38 9.54
C HIS B 240 -26.57 -26.66 10.57
N MET B 241 -26.22 -25.44 11.00
CA MET B 241 -27.06 -24.63 11.93
C MET B 241 -28.36 -24.27 11.21
N LYS B 242 -28.32 -24.17 9.87
CA LYS B 242 -29.43 -23.62 9.03
C LYS B 242 -30.58 -24.63 8.92
N VAL B 243 -30.28 -25.90 9.16
CA VAL B 243 -31.23 -27.05 9.13
C VAL B 243 -31.68 -27.32 10.57
N GLU B 244 -30.75 -27.34 11.54
CA GLU B 244 -31.03 -27.47 12.99
C GLU B 244 -31.29 -26.08 13.60
N CYS B 245 -32.02 -25.18 12.91
CA CYS B 245 -32.47 -23.84 13.43
C CYS B 245 -32.83 -22.89 12.27
N GLU B 248 -34.28 -19.11 10.68
CA GLU B 248 -34.39 -17.65 10.43
C GLU B 248 -34.61 -16.89 11.76
N LEU B 249 -34.04 -17.41 12.87
CA LEU B 249 -33.76 -16.70 14.16
C LEU B 249 -32.41 -15.96 14.07
N PHE B 250 -31.59 -16.30 13.05
CA PHE B 250 -30.27 -15.69 12.73
C PHE B 250 -30.48 -14.24 12.33
N PRO B 251 -29.75 -13.26 12.94
CA PRO B 251 -29.78 -11.86 12.50
C PRO B 251 -29.23 -11.75 11.08
N PRO B 252 -29.64 -10.73 10.30
CA PRO B 252 -29.37 -10.75 8.86
C PRO B 252 -27.92 -10.41 8.47
N LEU B 253 -27.19 -9.65 9.28
CA LEU B 253 -25.75 -9.44 9.01
C LEU B 253 -25.04 -10.80 8.94
N PHE B 254 -25.09 -11.57 10.03
CA PHE B 254 -24.56 -12.95 10.15
C PHE B 254 -24.78 -13.73 8.84
N LEU B 255 -25.97 -13.61 8.27
CA LEU B 255 -26.37 -14.40 7.08
C LEU B 255 -25.63 -13.88 5.84
N GLU B 256 -25.55 -12.56 5.70
CA GLU B 256 -24.82 -11.89 4.60
C GLU B 256 -23.32 -12.22 4.68
N VAL B 257 -22.77 -12.12 5.89
CA VAL B 257 -21.33 -12.40 6.19
C VAL B 257 -21.02 -13.86 5.92
N PHE B 258 -21.81 -14.84 6.38
CA PHE B 258 -21.31 -16.24 6.33
C PHE B 258 -21.95 -17.01 5.19
N GLU B 259 -22.54 -16.33 4.23
CA GLU B 259 -22.94 -16.89 2.91
C GLU B 259 -21.93 -16.41 1.87
N GLU C 1 7.97 16.91 -37.37
CA GLU C 1 9.21 16.74 -36.56
C GLU C 1 9.57 18.10 -35.98
N ASN C 2 9.15 18.26 -34.73
CA ASN C 2 9.50 19.36 -33.80
C ASN C 2 8.51 20.50 -34.05
N ALA C 3 7.41 20.16 -34.74
CA ALA C 3 6.29 21.10 -34.95
C ALA C 3 5.55 21.22 -33.63
N LEU C 4 5.09 20.08 -33.11
CA LEU C 4 4.40 20.02 -31.80
C LEU C 4 5.34 20.58 -30.72
N LEU C 5 6.60 20.17 -30.75
CA LEU C 5 7.53 20.73 -29.75
C LEU C 5 7.75 22.23 -30.00
N ARG C 6 7.81 22.64 -31.27
CA ARG C 6 7.98 24.10 -31.55
C ARG C 6 6.73 24.84 -31.10
N TYR C 7 5.55 24.20 -31.23
CA TYR C 7 4.26 24.80 -30.75
C TYR C 7 4.39 24.90 -29.24
N LEU C 8 4.89 23.83 -28.57
CA LEU C 8 4.88 23.75 -27.09
C LEU C 8 5.85 24.73 -26.46
N LEU C 9 6.94 24.95 -27.19
CA LEU C 9 8.04 25.85 -26.80
C LEU C 9 7.72 27.32 -27.14
N ASP C 10 6.98 27.64 -28.22
CA ASP C 10 6.59 29.05 -28.52
C ASP C 10 5.30 29.52 -27.80
N LYS C 11 4.53 28.59 -27.26
CA LYS C 11 3.22 28.78 -26.60
C LYS C 11 3.40 29.77 -25.45
N ASP C 12 2.28 30.15 -24.80
CA ASP C 12 2.26 31.16 -23.71
C ASP C 12 3.27 32.27 -24.02
N GLU D 1 -25.41 -8.53 -4.02
CA GLU D 1 -26.02 -8.50 -2.63
C GLU D 1 -25.14 -7.65 -1.71
N ASN D 2 -24.76 -8.20 -0.53
CA ASN D 2 -23.78 -7.66 0.46
C ASN D 2 -24.19 -6.23 0.83
N ALA D 3 -25.50 -6.00 0.83
CA ALA D 3 -26.14 -4.67 0.93
C ALA D 3 -25.76 -3.98 2.24
N LEU D 4 -25.81 -4.75 3.34
CA LEU D 4 -25.56 -4.24 4.71
C LEU D 4 -24.08 -3.94 4.86
N LEU D 5 -23.28 -4.92 4.40
CA LEU D 5 -21.80 -4.79 4.44
C LEU D 5 -21.42 -3.53 3.65
N ARG D 6 -21.98 -3.43 2.44
CA ARG D 6 -21.87 -2.19 1.64
C ARG D 6 -22.27 -0.94 2.46
N TYR D 7 -23.38 -0.99 3.19
CA TYR D 7 -23.83 0.18 3.99
C TYR D 7 -22.75 0.49 5.02
N LEU D 8 -22.24 -0.56 5.70
CA LEU D 8 -21.44 -0.38 6.94
C LEU D 8 -20.07 0.12 6.55
N LEU D 9 -19.68 -0.22 5.32
CA LEU D 9 -18.44 0.31 4.71
C LEU D 9 -18.60 1.78 4.27
N ASP D 10 -19.66 2.10 3.52
CA ASP D 10 -19.85 3.44 2.92
C ASP D 10 -20.12 4.45 4.05
N LYS D 11 -20.56 3.97 5.21
CA LYS D 11 -20.99 4.78 6.38
C LYS D 11 -19.76 5.49 6.96
N ASP D 12 -19.97 6.63 7.59
CA ASP D 12 -18.88 7.42 8.20
C ASP D 12 -18.61 6.87 9.62
#